data_6DAL
#
_entry.id   6DAL
#
_cell.length_a   76.558
_cell.length_b   101.620
_cell.length_c   127.130
_cell.angle_alpha   90.00
_cell.angle_beta   90.00
_cell.angle_gamma   90.00
#
_symmetry.space_group_name_H-M   'I 2 2 2'
#
loop_
_entity.id
_entity.type
_entity.pdbx_description
1 polymer 'Cytochrome P450 3A4'
2 non-polymer 'PROTOPORPHYRIN IX CONTAINING FE'
3 non-polymer GLYCEROL
4 non-polymer Nalpha-{(2S)-2-[(tert-butoxycarbonyl)amino]-3-phenylpropyl}-N-[2-(pyridin-3-yl)ethyl]-D-phenylalaninamide
#
_entity_poly.entity_id   1
_entity_poly.type   'polypeptide(L)'
_entity_poly.pdbx_seq_one_letter_code
;MAYLYGTHSHGLFKKLGIPGPTPLPFLGNILSYHKGFCMFDMECHKKYGKVWGFYDGQQPVLAITDPDMIKTVLVKECYS
VFTNRRPFGPVGFMKSAISIAEDEEWKRLRSLLSPTFTSGKLKEMVPIIAQYGDVLVRNLRREAETGKPVTLKDVFGAYS
MDVITSTSFGVNIDSLNNPQDPFVENTKKLLRFDFLDPFFLSITVFPFLIPILEVLNICVFPREVTNFLRKSVKRMKESR
LEDTQKHRVDFLQLMIDSQNSKETESHKALSDLELVAQSIIFIFAGYETTSSVLSFIMYELATHPDVQQKLQEEIDAVLP
NKAPPTYDTVLQMEYLDMVVNETLRLFPIAMRLERVCKKDVEINGMFIPKGVVVMIPSYALHRDPKYWTEPEKFLPERFS
KKNKDNIDPYIYTPFGSGPRNCIGMRFALMNMKLALIRVLQNFSFKPCKETQIPLKLSLGGLLQPEKPVVLKVESRDGTV
SGAHHHH
;
_entity_poly.pdbx_strand_id   A
#
loop_
_chem_comp.id
_chem_comp.type
_chem_comp.name
_chem_comp.formula
G1D non-polymer Nalpha-{(2S)-2-[(tert-butoxycarbonyl)amino]-3-phenylpropyl}-N-[2-(pyridin-3-yl)ethyl]-D-phenylalaninamide 'C30 H38 N4 O3'
GOL non-polymer GLYCEROL 'C3 H8 O3'
HEM non-polymer 'PROTOPORPHYRIN IX CONTAINING FE' 'C34 H32 Fe N4 O4'
#
# COMPACT_ATOMS: atom_id res chain seq x y z
N THR A 7 8.02 31.51 -5.97
CA THR A 7 6.73 32.04 -6.42
C THR A 7 6.79 32.41 -7.91
N HIS A 8 7.99 32.24 -8.49
CA HIS A 8 8.24 32.44 -9.92
C HIS A 8 7.79 31.26 -10.76
N SER A 9 7.50 30.12 -10.14
CA SER A 9 6.91 28.96 -10.80
C SER A 9 5.40 28.89 -10.61
N HIS A 10 4.84 29.77 -9.78
CA HIS A 10 3.42 29.76 -9.46
C HIS A 10 2.56 30.28 -10.59
N GLY A 11 3.17 30.72 -11.68
CA GLY A 11 2.38 31.13 -12.83
C GLY A 11 2.08 30.04 -13.82
N LEU A 12 2.53 28.81 -13.59
CA LEU A 12 2.57 27.84 -14.67
C LEU A 12 1.17 27.44 -15.11
N PHE A 13 0.30 27.08 -14.17
CA PHE A 13 -1.03 26.64 -14.57
C PHE A 13 -1.89 27.77 -15.09
N LYS A 14 -1.73 28.97 -14.54
CA LYS A 14 -2.46 30.12 -15.07
C LYS A 14 -2.14 30.33 -16.54
N LYS A 15 -0.87 30.16 -16.91
CA LYS A 15 -0.43 30.33 -18.30
C LYS A 15 -0.99 29.26 -19.23
N LEU A 16 -1.11 28.02 -18.77
CA LEU A 16 -1.58 26.92 -19.61
C LEU A 16 -3.09 26.85 -19.73
N GLY A 17 -3.82 27.73 -19.01
CA GLY A 17 -5.27 27.64 -18.98
C GLY A 17 -5.83 26.52 -18.14
N ILE A 18 -5.04 25.94 -17.24
CA ILE A 18 -5.48 24.89 -16.31
C ILE A 18 -5.98 25.58 -15.05
N PRO A 19 -7.20 25.29 -14.58
CA PRO A 19 -7.66 25.90 -13.33
C PRO A 19 -7.02 25.23 -12.13
N GLY A 20 -6.95 25.98 -11.02
CA GLY A 20 -6.57 25.46 -9.72
C GLY A 20 -6.74 26.49 -8.60
N PRO A 21 -6.62 26.06 -7.34
CA PRO A 21 -6.70 27.03 -6.23
C PRO A 21 -5.48 27.92 -6.22
N THR A 22 -5.68 29.14 -5.82
CA THR A 22 -4.65 30.16 -5.97
C THR A 22 -3.57 29.95 -4.91
N PRO A 23 -2.29 29.79 -5.32
CA PRO A 23 -1.24 29.43 -4.34
C PRO A 23 -0.67 30.62 -3.58
N LEU A 24 -0.38 30.38 -2.28
CA LEU A 24 0.33 31.33 -1.45
C LEU A 24 1.82 31.31 -1.76
N PRO A 25 2.51 32.42 -1.57
CA PRO A 25 3.96 32.44 -1.81
C PRO A 25 4.70 31.39 -0.99
N PHE A 26 5.67 30.73 -1.62
CA PHE A 26 6.47 29.69 -0.97
C PHE A 26 5.61 28.46 -0.65
N LEU A 27 4.53 28.64 0.11
CA LEU A 27 3.73 27.49 0.53
C LEU A 27 3.01 26.76 -0.60
N GLY A 28 2.75 27.41 -1.73
CA GLY A 28 1.92 26.73 -2.67
C GLY A 28 0.58 26.56 -2.05
N ASN A 29 -0.12 25.46 -2.38
CA ASN A 29 -1.44 25.21 -1.85
C ASN A 29 -1.42 24.32 -0.63
N ILE A 30 -0.28 24.22 0.06
CA ILE A 30 -0.21 23.15 1.06
C ILE A 30 -1.08 23.44 2.26
N LEU A 31 -1.36 24.69 2.59
CA LEU A 31 -2.25 24.90 3.73
C LEU A 31 -3.56 24.13 3.55
N SER A 32 -3.92 23.79 2.31
CA SER A 32 -5.19 23.14 2.00
C SER A 32 -5.17 21.64 2.29
N TYR A 33 -4.03 21.06 2.71
CA TYR A 33 -3.88 19.71 3.25
C TYR A 33 -4.29 19.60 4.73
N HIS A 34 -4.84 20.67 5.32
CA HIS A 34 -5.27 20.63 6.71
C HIS A 34 -6.40 19.63 6.96
N LYS A 35 -7.21 19.33 5.95
CA LYS A 35 -8.17 18.24 6.03
C LYS A 35 -7.64 16.96 5.41
N GLY A 36 -6.40 17.00 4.93
CA GLY A 36 -5.67 15.87 4.38
C GLY A 36 -5.78 15.79 2.87
N PHE A 37 -4.87 15.01 2.27
CA PHE A 37 -4.84 14.81 0.84
C PHE A 37 -6.23 14.52 0.26
N CYS A 38 -6.99 13.61 0.89
CA CYS A 38 -8.09 13.04 0.14
C CYS A 38 -9.24 14.03 0.01
N MET A 39 -9.60 14.68 1.13
CA MET A 39 -10.63 15.70 1.08
C MET A 39 -10.25 16.84 0.12
N PHE A 40 -8.99 17.28 0.14
CA PHE A 40 -8.52 18.31 -0.79
C PHE A 40 -8.62 17.85 -2.24
N ASP A 41 -8.24 16.59 -2.49
CA ASP A 41 -8.48 15.95 -3.79
C ASP A 41 -9.98 15.99 -4.16
N MET A 42 -10.84 15.37 -3.34
CA MET A 42 -12.28 15.39 -3.62
CA MET A 42 -12.28 15.38 -3.65
C MET A 42 -12.75 16.80 -3.94
N GLU A 43 -12.42 17.76 -3.07
CA GLU A 43 -12.86 19.13 -3.27
C GLU A 43 -12.41 19.62 -4.62
N CYS A 44 -11.12 19.51 -4.91
CA CYS A 44 -10.62 19.99 -6.20
C CYS A 44 -11.38 19.35 -7.35
N HIS A 45 -11.59 18.03 -7.29
CA HIS A 45 -12.31 17.33 -8.35
C HIS A 45 -13.66 18.00 -8.63
N LYS A 46 -14.46 18.16 -7.58
CA LYS A 46 -15.77 18.80 -7.67
C LYS A 46 -15.69 20.27 -8.17
N LYS A 47 -14.83 21.10 -7.54
CA LYS A 47 -14.73 22.51 -7.93
C LYS A 47 -14.31 22.71 -9.39
N TYR A 48 -13.41 21.86 -9.90
CA TYR A 48 -12.63 22.26 -11.07
C TYR A 48 -12.82 21.41 -12.32
N GLY A 49 -13.14 20.12 -12.18
CA GLY A 49 -13.47 19.30 -13.33
C GLY A 49 -12.55 18.09 -13.50
N LYS A 50 -12.10 17.86 -14.74
CA LYS A 50 -11.36 16.67 -15.11
C LYS A 50 -9.84 16.81 -14.94
N VAL A 51 -9.35 18.05 -14.86
CA VAL A 51 -7.92 18.38 -14.76
CA VAL A 51 -7.92 18.35 -14.71
C VAL A 51 -7.80 19.61 -13.88
N TRP A 52 -6.80 19.64 -13.00
CA TRP A 52 -6.51 20.86 -12.27
C TRP A 52 -5.06 20.85 -11.83
N GLY A 53 -4.62 21.99 -11.31
CA GLY A 53 -3.25 22.16 -10.89
C GLY A 53 -3.20 22.70 -9.49
N PHE A 54 -2.11 22.41 -8.80
CA PHE A 54 -1.81 23.04 -7.52
C PHE A 54 -0.30 22.93 -7.32
N TYR A 55 0.20 23.41 -6.17
CA TYR A 55 1.63 23.53 -5.93
C TYR A 55 1.98 23.02 -4.55
N ASP A 56 2.77 21.95 -4.46
CA ASP A 56 3.38 21.59 -3.18
C ASP A 56 4.58 22.51 -3.11
N GLY A 57 4.40 23.67 -2.45
CA GLY A 57 5.50 24.63 -2.37
C GLY A 57 5.71 25.20 -3.76
N GLN A 58 6.91 25.08 -4.31
CA GLN A 58 7.17 25.53 -5.68
C GLN A 58 6.80 24.47 -6.72
N GLN A 59 6.41 23.29 -6.27
CA GLN A 59 6.35 22.12 -7.13
C GLN A 59 5.00 22.02 -7.78
N PRO A 60 4.91 22.25 -9.09
CA PRO A 60 3.62 22.17 -9.75
C PRO A 60 3.18 20.74 -9.79
N VAL A 61 1.91 20.50 -9.47
CA VAL A 61 1.31 19.18 -9.60
C VAL A 61 0.06 19.32 -10.45
N LEU A 62 -0.06 18.50 -11.49
CA LEU A 62 -1.28 18.46 -12.31
C LEU A 62 -2.05 17.17 -12.01
N ALA A 63 -3.26 17.30 -11.46
CA ALA A 63 -4.19 16.18 -11.36
C ALA A 63 -4.85 15.90 -12.70
N ILE A 64 -5.05 14.62 -13.00
CA ILE A 64 -5.75 14.17 -14.19
C ILE A 64 -6.74 13.07 -13.78
N THR A 65 -7.94 13.08 -14.39
CA THR A 65 -8.95 12.07 -14.11
C THR A 65 -9.60 11.49 -15.38
N ASP A 66 -9.01 11.68 -16.56
CA ASP A 66 -9.56 11.06 -17.76
C ASP A 66 -8.93 9.69 -17.97
N PRO A 67 -9.71 8.60 -18.05
CA PRO A 67 -9.09 7.26 -18.08
C PRO A 67 -8.21 7.02 -19.28
N ASP A 68 -8.49 7.67 -20.42
CA ASP A 68 -7.55 7.61 -21.55
C ASP A 68 -6.21 8.24 -21.17
N MET A 69 -6.28 9.44 -20.61
CA MET A 69 -5.08 10.15 -20.18
C MET A 69 -4.34 9.41 -19.06
N ILE A 70 -5.08 8.81 -18.13
CA ILE A 70 -4.44 8.03 -17.09
C ILE A 70 -3.72 6.83 -17.69
N LYS A 71 -4.33 6.20 -18.70
CA LYS A 71 -3.67 5.07 -19.35
C LYS A 71 -2.39 5.51 -20.05
N THR A 72 -2.44 6.64 -20.75
CA THR A 72 -1.28 7.18 -21.45
C THR A 72 -0.10 7.35 -20.51
N VAL A 73 -0.38 7.85 -19.30
CA VAL A 73 0.67 8.20 -18.35
C VAL A 73 1.18 6.97 -17.66
N LEU A 74 0.26 6.17 -17.14
CA LEU A 74 0.58 4.98 -16.36
C LEU A 74 1.15 3.84 -17.23
N VAL A 75 0.71 3.72 -18.50
CA VAL A 75 1.10 2.58 -19.35
C VAL A 75 1.79 3.01 -20.65
N LYS A 76 1.10 3.81 -21.47
CA LYS A 76 1.59 4.05 -22.84
C LYS A 76 2.92 4.78 -22.84
N GLU A 77 3.08 5.79 -22.00
CA GLU A 77 4.27 6.60 -22.00
C GLU A 77 5.06 6.47 -20.70
N CYS A 78 5.00 5.30 -20.06
CA CYS A 78 5.75 5.09 -18.83
C CYS A 78 7.25 5.16 -19.08
N TYR A 79 7.77 4.27 -19.93
CA TYR A 79 9.21 4.27 -20.19
C TYR A 79 9.66 5.57 -20.83
N SER A 80 8.88 6.09 -21.79
CA SER A 80 9.32 7.27 -22.53
C SER A 80 9.33 8.51 -21.64
N VAL A 81 8.28 8.75 -20.86
CA VAL A 81 8.06 10.04 -20.22
C VAL A 81 7.86 9.96 -18.72
N PHE A 82 6.98 9.06 -18.28
CA PHE A 82 6.48 9.07 -16.91
C PHE A 82 7.01 7.84 -16.18
N THR A 83 8.30 7.87 -15.88
CA THR A 83 8.98 6.67 -15.42
C THR A 83 9.19 6.62 -13.92
N ASN A 84 9.23 7.76 -13.25
CA ASN A 84 9.64 7.78 -11.86
C ASN A 84 8.60 8.49 -11.02
N ARG A 85 8.69 8.26 -9.71
CA ARG A 85 7.82 8.92 -8.76
C ARG A 85 8.61 10.14 -8.33
N ARG A 86 7.97 11.07 -7.62
CA ARG A 86 8.66 12.28 -7.18
C ARG A 86 9.47 12.02 -5.90
N PRO A 87 10.71 12.50 -5.85
CA PRO A 87 11.52 12.27 -4.64
C PRO A 87 10.93 12.99 -3.42
N PHE A 88 11.18 12.42 -2.21
CA PHE A 88 10.45 12.83 -1.01
C PHE A 88 11.28 13.26 0.20
N GLY A 89 12.50 12.77 0.34
CA GLY A 89 13.33 13.13 1.47
C GLY A 89 14.68 12.47 1.37
N PRO A 90 15.53 12.63 2.39
CA PRO A 90 16.85 11.98 2.35
C PRO A 90 16.73 10.47 2.51
N VAL A 91 17.32 9.75 1.55
CA VAL A 91 17.17 8.30 1.50
C VAL A 91 18.47 7.55 1.79
N GLY A 92 19.64 8.16 1.61
CA GLY A 92 20.84 7.42 1.96
C GLY A 92 21.05 6.25 1.00
N PHE A 93 21.54 5.13 1.54
CA PHE A 93 21.79 3.95 0.71
C PHE A 93 20.53 3.39 0.07
N MET A 94 19.34 3.82 0.54
CA MET A 94 18.08 3.34 -0.02
C MET A 94 17.72 3.93 -1.38
N LYS A 95 18.46 4.93 -1.86
CA LYS A 95 18.39 5.29 -3.27
C LYS A 95 18.21 4.05 -4.16
N SER A 96 18.80 2.91 -3.75
CA SER A 96 18.83 1.69 -4.57
C SER A 96 17.61 0.79 -4.42
N ALA A 97 16.65 1.16 -3.57
CA ALA A 97 15.43 0.39 -3.44
C ALA A 97 14.62 0.53 -4.71
N ILE A 98 13.91 -0.54 -5.09
CA ILE A 98 13.20 -0.50 -6.36
C ILE A 98 12.22 0.66 -6.41
N SER A 99 11.43 0.88 -5.34
CA SER A 99 10.31 1.82 -5.45
C SER A 99 10.79 3.26 -5.51
N ILE A 100 12.03 3.48 -5.08
CA ILE A 100 12.64 4.80 -5.10
C ILE A 100 13.56 4.99 -6.30
N ALA A 101 14.07 3.92 -6.88
CA ALA A 101 15.07 4.08 -7.94
C ALA A 101 14.43 4.60 -9.22
N GLU A 102 15.28 5.10 -10.10
CA GLU A 102 14.84 5.87 -11.24
C GLU A 102 15.41 5.33 -12.54
N ASP A 103 14.60 5.47 -13.60
CA ASP A 103 14.94 5.19 -14.99
C ASP A 103 15.56 3.81 -15.19
N GLU A 104 16.81 3.76 -15.64
CA GLU A 104 17.38 2.48 -16.04
C GLU A 104 17.76 1.66 -14.84
N GLU A 105 18.16 2.30 -13.75
CA GLU A 105 18.43 1.49 -12.56
C GLU A 105 17.14 0.89 -12.03
N TRP A 106 16.02 1.61 -12.17
CA TRP A 106 14.73 1.01 -11.82
C TRP A 106 14.40 -0.13 -12.78
N LYS A 107 14.52 0.13 -14.09
CA LYS A 107 14.21 -0.91 -15.06
C LYS A 107 15.02 -2.19 -14.82
N ARG A 108 16.26 -2.06 -14.34
CA ARG A 108 17.10 -3.22 -14.06
C ARG A 108 16.69 -3.93 -12.77
N LEU A 109 16.42 -3.17 -11.71
CA LEU A 109 15.91 -3.76 -10.47
C LEU A 109 14.58 -4.44 -10.68
N ARG A 110 13.65 -3.78 -11.38
CA ARG A 110 12.34 -4.37 -11.64
C ARG A 110 12.50 -5.72 -12.34
N SER A 111 13.34 -5.79 -13.37
CA SER A 111 13.62 -7.07 -14.01
C SER A 111 14.18 -8.08 -13.01
N LEU A 112 15.23 -7.70 -12.29
CA LEU A 112 15.90 -8.67 -11.41
C LEU A 112 14.98 -9.21 -10.34
N LEU A 113 13.91 -8.48 -10.02
CA LEU A 113 13.05 -8.84 -8.92
C LEU A 113 11.68 -9.32 -9.37
N SER A 114 11.31 -9.12 -10.63
CA SER A 114 10.02 -9.62 -11.11
C SER A 114 9.83 -11.12 -10.95
N PRO A 115 10.76 -12.00 -11.35
CA PRO A 115 10.52 -13.44 -11.18
C PRO A 115 10.24 -13.83 -9.73
N THR A 116 10.65 -13.00 -8.78
CA THR A 116 10.37 -13.24 -7.37
C THR A 116 8.87 -13.24 -7.08
N PHE A 117 8.08 -12.46 -7.83
CA PHE A 117 6.66 -12.25 -7.56
C PHE A 117 5.75 -12.97 -8.55
N THR A 118 6.25 -14.04 -9.16
CA THR A 118 5.38 -14.80 -10.03
C THR A 118 4.40 -15.61 -9.19
N SER A 119 3.26 -15.93 -9.81
CA SER A 119 2.32 -16.86 -9.21
C SER A 119 3.02 -18.15 -8.80
N GLY A 120 3.96 -18.61 -9.62
CA GLY A 120 4.59 -19.88 -9.35
C GLY A 120 5.42 -19.86 -8.06
N LYS A 121 6.12 -18.75 -7.82
CA LYS A 121 6.84 -18.58 -6.55
C LYS A 121 5.87 -18.31 -5.41
N LEU A 122 4.76 -17.64 -5.70
CA LEU A 122 3.76 -17.35 -4.68
C LEU A 122 3.10 -18.62 -4.16
N LYS A 123 2.83 -19.57 -5.05
CA LYS A 123 2.20 -20.81 -4.63
C LYS A 123 3.10 -21.60 -3.69
N GLU A 124 4.42 -21.46 -3.83
CA GLU A 124 5.36 -22.10 -2.92
C GLU A 124 5.37 -21.47 -1.54
N MET A 125 4.90 -20.22 -1.42
CA MET A 125 4.89 -19.49 -0.16
C MET A 125 3.62 -19.73 0.67
N VAL A 126 2.59 -20.30 0.07
CA VAL A 126 1.32 -20.51 0.79
C VAL A 126 1.50 -21.38 2.04
N PRO A 127 2.15 -22.56 1.98
CA PRO A 127 2.36 -23.31 3.22
C PRO A 127 3.00 -22.50 4.34
N ILE A 128 3.91 -21.57 4.01
CA ILE A 128 4.56 -20.78 5.05
C ILE A 128 3.62 -19.69 5.57
N ILE A 129 2.84 -19.07 4.67
CA ILE A 129 1.88 -18.05 5.09
C ILE A 129 0.68 -18.69 5.78
N ALA A 130 0.52 -20.00 5.65
CA ALA A 130 -0.59 -20.69 6.31
C ALA A 130 -0.32 -20.90 7.80
N GLN A 131 0.91 -21.29 8.15
CA GLN A 131 1.24 -21.68 9.52
C GLN A 131 1.02 -20.54 10.51
N TYR A 132 1.28 -19.29 10.09
CA TYR A 132 1.06 -18.13 10.95
C TYR A 132 -0.37 -17.61 10.91
N GLY A 133 -1.18 -18.08 9.96
CA GLY A 133 -2.61 -18.00 10.13
C GLY A 133 -3.09 -18.79 11.34
N ASP A 134 -2.51 -19.98 11.55
CA ASP A 134 -2.81 -20.75 12.76
C ASP A 134 -2.34 -20.03 14.02
N VAL A 135 -1.11 -19.49 14.01
CA VAL A 135 -0.65 -18.70 15.15
C VAL A 135 -1.62 -17.54 15.40
N LEU A 136 -2.18 -16.98 14.32
CA LEU A 136 -3.10 -15.85 14.47
C LEU A 136 -4.35 -16.27 15.24
N VAL A 137 -4.90 -17.43 14.90
CA VAL A 137 -6.12 -17.89 15.55
C VAL A 137 -5.90 -18.03 17.05
N ARG A 138 -4.81 -18.71 17.45
CA ARG A 138 -4.57 -19.01 18.86
C ARG A 138 -4.43 -17.74 19.70
N ASN A 139 -3.86 -16.69 19.13
CA ASN A 139 -3.75 -15.43 19.88
C ASN A 139 -5.10 -14.74 19.99
N LEU A 140 -5.92 -14.84 18.93
CA LEU A 140 -7.27 -14.31 18.95
C LEU A 140 -8.16 -15.09 19.91
N ARG A 141 -8.03 -16.42 19.91
CA ARG A 141 -8.87 -17.22 20.79
C ARG A 141 -8.57 -16.93 22.25
N ARG A 142 -7.30 -16.68 22.58
CA ARG A 142 -6.96 -16.30 23.94
C ARG A 142 -7.66 -15.01 24.34
N GLU A 143 -7.93 -14.13 23.37
CA GLU A 143 -8.66 -12.91 23.64
C GLU A 143 -10.16 -13.05 23.45
N ALA A 144 -10.61 -14.14 22.82
CA ALA A 144 -12.05 -14.35 22.69
C ALA A 144 -12.62 -15.08 23.90
N GLU A 145 -11.86 -16.00 24.49
CA GLU A 145 -12.28 -16.67 25.72
C GLU A 145 -12.27 -15.73 26.92
N THR A 146 -11.49 -14.65 26.85
CA THR A 146 -11.52 -13.56 27.83
C THR A 146 -12.20 -12.37 27.13
N GLY A 147 -13.54 -12.40 27.10
CA GLY A 147 -14.38 -11.47 26.36
C GLY A 147 -14.02 -10.00 26.48
N LYS A 148 -12.79 -9.66 26.11
CA LYS A 148 -12.20 -8.34 26.07
C LYS A 148 -12.12 -7.88 24.63
N PRO A 149 -12.64 -6.70 24.29
CA PRO A 149 -12.54 -6.20 22.91
C PRO A 149 -11.10 -6.24 22.40
N VAL A 150 -10.95 -6.40 21.10
CA VAL A 150 -9.65 -6.60 20.47
C VAL A 150 -9.32 -5.38 19.61
N THR A 151 -8.06 -4.96 19.65
CA THR A 151 -7.56 -3.97 18.70
C THR A 151 -6.94 -4.69 17.52
N LEU A 152 -7.53 -4.51 16.34
CA LEU A 152 -7.14 -5.30 15.18
C LEU A 152 -5.70 -5.03 14.77
N LYS A 153 -5.28 -3.75 14.85
CA LYS A 153 -3.98 -3.38 14.31
C LYS A 153 -2.86 -4.08 15.07
N ASP A 154 -3.04 -4.35 16.36
CA ASP A 154 -2.03 -5.09 17.11
C ASP A 154 -2.04 -6.56 16.72
N VAL A 155 -3.22 -7.18 16.69
CA VAL A 155 -3.27 -8.60 16.40
C VAL A 155 -3.00 -8.85 14.92
N PHE A 156 -3.55 -8.02 14.02
CA PHE A 156 -3.20 -8.16 12.61
C PHE A 156 -1.76 -7.75 12.34
N GLY A 157 -1.29 -6.69 13.00
CA GLY A 157 0.11 -6.30 12.84
C GLY A 157 1.05 -7.42 13.21
N ALA A 158 0.76 -8.08 14.35
CA ALA A 158 1.50 -9.28 14.74
C ALA A 158 1.48 -10.33 13.63
N TYR A 159 0.37 -10.46 12.92
CA TYR A 159 0.32 -11.47 11.86
C TYR A 159 1.09 -11.04 10.62
N SER A 160 0.81 -9.84 10.12
CA SER A 160 1.54 -9.35 8.95
C SER A 160 3.02 -9.43 9.22
N MET A 161 3.44 -8.98 10.40
CA MET A 161 4.83 -9.07 10.85
C MET A 161 5.33 -10.51 10.85
N ASP A 162 4.49 -11.45 11.29
CA ASP A 162 4.87 -12.86 11.27
C ASP A 162 5.06 -13.34 9.83
N VAL A 163 4.20 -12.93 8.90
CA VAL A 163 4.37 -13.37 7.52
C VAL A 163 5.61 -12.74 6.90
N ILE A 164 5.95 -11.51 7.27
CA ILE A 164 7.02 -10.85 6.54
C ILE A 164 8.36 -11.51 6.86
N THR A 165 8.70 -11.61 8.17
CA THR A 165 9.97 -12.22 8.57
C THR A 165 10.10 -13.63 8.01
N SER A 166 9.00 -14.37 7.96
CA SER A 166 9.10 -15.73 7.42
C SER A 166 9.32 -15.72 5.92
N THR A 167 8.54 -14.92 5.19
CA THR A 167 8.60 -14.92 3.73
C THR A 167 9.77 -14.13 3.15
N SER A 168 10.49 -13.37 3.96
CA SER A 168 11.62 -12.63 3.42
C SER A 168 12.97 -13.04 4.00
N PHE A 169 13.01 -13.76 5.13
CA PHE A 169 14.28 -14.17 5.71
C PHE A 169 14.27 -15.56 6.37
N GLY A 170 13.12 -16.19 6.51
CA GLY A 170 13.04 -17.46 7.21
C GLY A 170 12.82 -17.36 8.70
N VAL A 171 13.11 -16.20 9.30
CA VAL A 171 12.95 -16.01 10.76
C VAL A 171 11.52 -16.34 11.18
N ASN A 172 11.39 -17.14 12.23
CA ASN A 172 10.09 -17.61 12.71
C ASN A 172 9.90 -17.17 14.14
N ILE A 173 9.03 -16.19 14.34
CA ILE A 173 8.78 -15.61 15.66
C ILE A 173 7.27 -15.55 15.86
N ASP A 174 6.83 -15.71 17.10
CA ASP A 174 5.48 -15.31 17.50
C ASP A 174 5.60 -13.89 18.01
N SER A 175 5.48 -12.92 17.10
CA SER A 175 5.72 -11.53 17.46
CA SER A 175 5.71 -11.52 17.44
C SER A 175 4.73 -11.04 18.51
N LEU A 176 3.47 -11.48 18.45
CA LEU A 176 2.52 -10.98 19.44
C LEU A 176 2.93 -11.39 20.85
N ASN A 177 3.60 -12.54 20.99
CA ASN A 177 4.06 -13.01 22.29
C ASN A 177 5.53 -12.77 22.53
N ASN A 178 6.32 -12.64 21.48
CA ASN A 178 7.69 -12.17 21.61
C ASN A 178 7.80 -10.74 21.10
N PRO A 179 6.92 -9.81 21.52
CA PRO A 179 6.88 -8.50 20.85
C PRO A 179 8.17 -7.71 20.99
N GLN A 180 9.20 -8.35 21.56
CA GLN A 180 10.40 -7.68 22.05
C GLN A 180 11.65 -8.50 21.77
N ASP A 181 11.53 -9.57 20.99
CA ASP A 181 12.68 -10.16 20.34
C ASP A 181 13.39 -9.11 19.49
N PRO A 182 14.72 -9.07 19.49
CA PRO A 182 15.42 -7.98 18.78
C PRO A 182 15.05 -7.85 17.32
N PHE A 183 14.74 -8.96 16.66
CA PHE A 183 14.39 -8.89 15.25
C PHE A 183 13.07 -8.16 15.05
N VAL A 184 12.11 -8.36 15.96
CA VAL A 184 10.81 -7.73 15.86
C VAL A 184 10.87 -6.22 16.16
N GLU A 185 11.89 -5.74 16.90
CA GLU A 185 11.97 -4.33 17.29
C GLU A 185 12.29 -3.40 16.13
N ASN A 186 13.48 -3.55 15.58
CA ASN A 186 13.87 -2.78 14.41
C ASN A 186 12.75 -2.68 13.39
N THR A 187 12.12 -3.82 13.10
CA THR A 187 11.29 -3.96 11.92
C THR A 187 10.00 -3.13 11.97
N LYS A 188 9.53 -2.77 13.15
CA LYS A 188 8.26 -2.06 13.24
C LYS A 188 8.40 -0.55 13.17
N LYS A 189 9.62 -0.04 13.31
CA LYS A 189 9.86 1.33 13.73
C LYS A 189 9.86 2.30 12.55
N LEU A 190 9.08 3.37 12.69
CA LEU A 190 9.06 4.55 11.80
C LEU A 190 8.94 4.26 10.30
N LEU A 196 2.55 14.29 6.01
CA LEU A 196 2.04 15.58 6.48
C LEU A 196 2.46 15.89 7.94
N ASP A 197 3.48 15.19 8.43
CA ASP A 197 4.02 15.45 9.76
C ASP A 197 4.95 16.65 9.69
N PRO A 198 5.42 17.19 10.84
CA PRO A 198 6.25 18.41 10.77
C PRO A 198 7.46 18.28 9.86
N PHE A 199 7.88 17.06 9.56
CA PHE A 199 9.09 16.84 8.75
C PHE A 199 8.82 17.04 7.26
N PHE A 200 7.87 16.29 6.70
CA PHE A 200 7.74 16.24 5.24
C PHE A 200 7.10 17.49 4.64
N LEU A 201 6.28 18.22 5.41
CA LEU A 201 5.84 19.54 4.96
C LEU A 201 7.02 20.48 4.85
N SER A 202 7.90 20.46 5.86
CA SER A 202 9.15 21.20 5.77
C SER A 202 9.95 20.78 4.53
N ILE A 203 9.89 19.50 4.17
CA ILE A 203 10.60 19.05 2.97
C ILE A 203 10.01 19.68 1.74
N THR A 204 8.69 19.86 1.70
CA THR A 204 8.01 20.41 0.53
C THR A 204 8.18 21.93 0.42
N VAL A 205 8.23 22.64 1.54
CA VAL A 205 8.53 24.06 1.49
C VAL A 205 10.02 24.31 1.29
N PHE A 206 10.87 23.41 1.77
CA PHE A 206 12.32 23.52 1.62
C PHE A 206 12.93 22.28 0.98
N PRO A 207 12.47 21.88 -0.22
CA PRO A 207 13.05 20.68 -0.86
C PRO A 207 14.53 20.83 -1.18
N PHE A 208 15.05 22.05 -1.23
CA PHE A 208 16.47 22.28 -1.33
C PHE A 208 17.22 21.77 -0.12
N LEU A 209 16.53 21.43 0.96
CA LEU A 209 17.19 20.95 2.17
C LEU A 209 17.50 19.46 2.12
N ILE A 210 16.94 18.75 1.16
CA ILE A 210 17.26 17.33 0.97
C ILE A 210 18.75 17.08 0.71
N PRO A 211 19.37 17.67 -0.32
CA PRO A 211 20.82 17.42 -0.52
C PRO A 211 21.64 17.78 0.70
N ILE A 212 21.11 18.65 1.56
CA ILE A 212 21.79 18.97 2.80
C ILE A 212 21.84 17.75 3.69
N LEU A 213 20.67 17.17 3.93
CA LEU A 213 20.62 15.99 4.79
C LEU A 213 21.33 14.78 4.17
N GLU A 214 21.47 14.71 2.84
CA GLU A 214 22.15 13.56 2.24
C GLU A 214 23.61 13.51 2.64
N VAL A 215 24.34 14.61 2.38
CA VAL A 215 25.75 14.64 2.71
C VAL A 215 25.98 14.41 4.21
N LEU A 216 24.99 14.75 5.03
CA LEU A 216 25.00 14.48 6.47
C LEU A 216 24.63 13.06 6.86
N ASN A 217 24.43 12.16 5.90
CA ASN A 217 24.03 10.78 6.20
C ASN A 217 22.75 10.67 7.05
N ILE A 218 22.01 11.78 7.24
CA ILE A 218 20.70 11.68 7.87
C ILE A 218 19.73 11.03 6.90
N CYS A 219 18.90 10.14 7.43
CA CYS A 219 18.05 9.28 6.62
CA CYS A 219 18.03 9.35 6.58
C CYS A 219 16.66 9.23 7.23
N VAL A 220 15.61 9.30 6.39
CA VAL A 220 14.24 9.08 6.84
C VAL A 220 14.03 7.63 7.25
N PHE A 221 15.01 6.78 6.93
CA PHE A 221 15.17 5.49 7.55
C PHE A 221 16.05 5.67 8.77
N PRO A 222 15.54 5.44 9.96
CA PRO A 222 16.41 5.42 11.14
C PRO A 222 17.71 4.69 10.83
N ARG A 223 18.83 5.39 10.94
CA ARG A 223 20.12 4.81 10.60
C ARG A 223 20.43 3.56 11.41
N GLU A 224 19.69 3.30 12.49
CA GLU A 224 19.96 2.14 13.33
C GLU A 224 19.27 0.87 12.83
N VAL A 225 17.97 0.96 12.48
CA VAL A 225 17.26 -0.17 11.91
C VAL A 225 18.00 -0.69 10.68
N THR A 226 18.37 0.23 9.78
CA THR A 226 19.04 -0.15 8.53
C THR A 226 20.41 -0.77 8.79
N ASN A 227 21.17 -0.23 9.73
CA ASN A 227 22.45 -0.86 10.08
C ASN A 227 22.23 -2.24 10.67
N PHE A 228 21.13 -2.44 11.40
CA PHE A 228 20.86 -3.76 12.00
C PHE A 228 20.61 -4.82 10.93
N LEU A 229 19.84 -4.48 9.89
CA LEU A 229 19.49 -5.47 8.87
C LEU A 229 20.58 -5.63 7.82
N ARG A 230 21.29 -4.54 7.49
CA ARG A 230 22.45 -4.67 6.61
C ARG A 230 23.39 -5.73 7.13
N LYS A 231 23.63 -5.73 8.44
CA LYS A 231 24.45 -6.78 9.03
C LYS A 231 23.66 -8.05 9.26
N SER A 232 22.37 -7.96 9.62
CA SER A 232 21.56 -9.17 9.81
C SER A 232 21.44 -9.96 8.52
N VAL A 233 21.35 -9.27 7.39
CA VAL A 233 21.29 -9.96 6.10
C VAL A 233 22.62 -10.65 5.80
N LYS A 234 23.73 -9.94 6.02
CA LYS A 234 25.04 -10.52 5.72
C LYS A 234 25.40 -11.67 6.67
N ARG A 235 24.71 -11.80 7.81
CA ARG A 235 24.82 -13.01 8.63
C ARG A 235 24.05 -14.16 7.99
N MET A 236 22.76 -13.94 7.70
CA MET A 236 21.95 -14.95 7.03
C MET A 236 22.58 -15.35 5.70
N LYS A 237 22.92 -14.37 4.86
CA LYS A 237 23.57 -14.65 3.58
C LYS A 237 24.70 -15.63 3.76
N GLU A 238 25.59 -15.36 4.71
CA GLU A 238 26.75 -16.21 4.94
C GLU A 238 26.48 -17.32 5.94
N SER A 239 25.23 -17.52 6.34
CA SER A 239 24.85 -18.74 7.06
C SER A 239 24.15 -19.75 6.17
N ARG A 240 23.33 -19.30 5.22
CA ARG A 240 22.83 -20.21 4.19
C ARG A 240 23.91 -20.54 3.17
N LEU A 241 24.83 -19.61 2.95
CA LEU A 241 25.95 -19.76 2.02
C LEU A 241 27.19 -20.01 2.87
N GLU A 242 27.50 -21.29 3.09
CA GLU A 242 26.72 -22.40 2.56
C GLU A 242 26.32 -23.41 3.64
N ASP A 243 25.13 -24.00 3.50
CA ASP A 243 24.62 -25.04 4.41
C ASP A 243 23.34 -25.67 3.84
N VAL A 249 13.44 -20.80 -0.05
CA VAL A 249 12.02 -20.58 -0.34
C VAL A 249 11.51 -19.11 -0.17
N ASP A 250 12.28 -18.24 0.50
CA ASP A 250 11.87 -16.86 0.84
C ASP A 250 12.46 -15.83 -0.13
N PHE A 251 12.05 -14.55 0.06
CA PHE A 251 12.49 -13.48 -0.85
C PHE A 251 14.01 -13.33 -0.88
N LEU A 252 14.65 -13.36 0.30
CA LEU A 252 16.11 -13.25 0.37
C LEU A 252 16.77 -14.34 -0.47
N GLN A 253 16.36 -15.60 -0.24
CA GLN A 253 16.84 -16.70 -1.07
C GLN A 253 16.64 -16.40 -2.54
N LEU A 254 15.43 -16.02 -2.94
CA LEU A 254 15.13 -15.76 -4.34
C LEU A 254 16.02 -14.65 -4.91
N MET A 255 16.41 -13.69 -4.06
CA MET A 255 17.32 -12.63 -4.49
C MET A 255 18.77 -13.11 -4.49
N ILE A 256 19.15 -13.93 -3.50
CA ILE A 256 20.49 -14.49 -3.47
C ILE A 256 20.71 -15.41 -4.67
N ASP A 257 19.68 -16.17 -5.05
CA ASP A 257 19.78 -16.99 -6.25
C ASP A 257 19.84 -16.14 -7.51
N SER A 258 19.23 -14.95 -7.49
CA SER A 258 19.25 -14.11 -8.67
C SER A 258 20.63 -13.51 -8.92
N GLN A 259 21.30 -13.06 -7.85
CA GLN A 259 22.64 -12.52 -8.02
C GLN A 259 23.68 -13.61 -8.32
N ASN A 260 23.25 -14.88 -8.42
CA ASN A 260 24.08 -15.94 -8.98
C ASN A 260 23.79 -16.03 -10.49
N SER A 261 24.31 -15.04 -11.19
CA SER A 261 24.11 -14.89 -12.64
C SER A 261 24.75 -16.03 -13.42
N LYS A 268 25.45 -6.45 -13.92
CA LYS A 268 24.04 -6.55 -14.27
C LYS A 268 23.22 -7.19 -13.14
N ALA A 269 23.87 -7.93 -12.25
CA ALA A 269 23.19 -8.68 -11.20
C ALA A 269 23.25 -7.97 -9.85
N LEU A 270 22.35 -8.39 -8.96
CA LEU A 270 22.05 -7.67 -7.72
C LEU A 270 23.26 -7.60 -6.79
N SER A 271 23.66 -6.39 -6.43
CA SER A 271 24.74 -6.13 -5.48
C SER A 271 24.38 -6.66 -4.09
N ASP A 272 25.28 -6.41 -3.14
CA ASP A 272 25.03 -6.84 -1.77
C ASP A 272 24.23 -5.79 -1.00
N LEU A 273 24.66 -4.54 -1.02
CA LEU A 273 23.87 -3.49 -0.39
C LEU A 273 22.58 -3.26 -1.15
N GLU A 274 22.57 -3.48 -2.47
CA GLU A 274 21.32 -3.42 -3.21
C GLU A 274 20.33 -4.47 -2.70
N LEU A 275 20.83 -5.65 -2.36
CA LEU A 275 19.93 -6.70 -1.89
C LEU A 275 19.30 -6.33 -0.54
N VAL A 276 20.09 -5.68 0.34
CA VAL A 276 19.55 -5.31 1.65
C VAL A 276 18.42 -4.31 1.50
N ALA A 277 18.55 -3.41 0.53
CA ALA A 277 17.60 -2.31 0.35
C ALA A 277 16.23 -2.81 -0.10
N GLN A 278 16.18 -3.71 -1.10
CA GLN A 278 14.90 -4.30 -1.48
C GLN A 278 14.27 -5.04 -0.32
N SER A 279 15.09 -5.78 0.44
CA SER A 279 14.56 -6.50 1.59
C SER A 279 13.82 -5.53 2.49
N ILE A 280 14.44 -4.38 2.73
CA ILE A 280 13.82 -3.38 3.60
C ILE A 280 12.53 -2.84 2.99
N ILE A 281 12.50 -2.57 1.67
CA ILE A 281 11.28 -2.07 1.04
C ILE A 281 10.14 -3.08 1.19
N PHE A 282 10.45 -4.38 1.13
CA PHE A 282 9.39 -5.37 1.21
C PHE A 282 8.76 -5.39 2.60
N ILE A 283 9.55 -5.07 3.63
CA ILE A 283 8.98 -5.00 4.97
C ILE A 283 8.02 -3.82 5.10
N PHE A 284 8.49 -2.57 4.87
CA PHE A 284 7.56 -1.44 4.93
C PHE A 284 6.38 -1.65 4.00
N ALA A 285 6.62 -2.27 2.83
CA ALA A 285 5.53 -2.50 1.90
C ALA A 285 4.39 -3.25 2.57
N GLY A 286 4.66 -4.40 3.18
CA GLY A 286 3.58 -5.29 3.48
C GLY A 286 3.25 -5.35 4.94
N TYR A 287 3.94 -4.54 5.75
CA TYR A 287 3.67 -4.54 7.18
C TYR A 287 2.47 -3.64 7.47
N GLU A 288 2.68 -2.32 7.39
CA GLU A 288 1.53 -1.47 7.68
C GLU A 288 0.42 -1.65 6.66
N THR A 289 0.74 -2.05 5.42
CA THR A 289 -0.31 -2.18 4.42
C THR A 289 -1.14 -3.43 4.62
N THR A 290 -0.50 -4.60 4.65
CA THR A 290 -1.26 -5.83 4.86
C THR A 290 -2.10 -5.72 6.13
N SER A 291 -1.52 -5.15 7.19
CA SER A 291 -2.28 -5.06 8.44
C SER A 291 -3.36 -3.97 8.37
N SER A 292 -3.05 -2.80 7.79
CA SER A 292 -4.08 -1.76 7.72
C SER A 292 -5.29 -2.24 6.93
N VAL A 293 -5.03 -2.84 5.77
CA VAL A 293 -6.12 -3.35 4.96
C VAL A 293 -6.97 -4.34 5.75
N LEU A 294 -6.33 -5.28 6.49
CA LEU A 294 -7.15 -6.31 7.12
C LEU A 294 -8.05 -5.67 8.18
N SER A 295 -7.63 -4.53 8.71
CA SER A 295 -8.46 -3.86 9.70
C SER A 295 -9.65 -3.21 9.03
N PHE A 296 -9.40 -2.59 7.88
CA PHE A 296 -10.49 -2.04 7.11
C PHE A 296 -11.51 -3.12 6.71
N ILE A 297 -11.04 -4.31 6.33
CA ILE A 297 -12.01 -5.33 5.96
C ILE A 297 -12.74 -5.87 7.18
N MET A 298 -12.09 -5.97 8.34
CA MET A 298 -12.82 -6.47 9.49
C MET A 298 -13.84 -5.47 10.02
N TYR A 299 -13.54 -4.16 9.91
CA TYR A 299 -14.52 -3.13 10.26
C TYR A 299 -15.77 -3.22 9.40
N GLU A 300 -15.59 -3.35 8.08
CA GLU A 300 -16.75 -3.40 7.21
C GLU A 300 -17.53 -4.70 7.44
N LEU A 301 -16.80 -5.80 7.66
CA LEU A 301 -17.46 -7.06 7.95
C LEU A 301 -18.31 -6.97 9.21
N ALA A 302 -17.83 -6.23 10.21
CA ALA A 302 -18.52 -6.12 11.49
C ALA A 302 -19.78 -5.27 11.40
N THR A 303 -19.67 -4.09 10.77
CA THR A 303 -20.79 -3.18 10.58
C THR A 303 -21.68 -3.59 9.40
N HIS A 304 -21.37 -4.71 8.75
CA HIS A 304 -22.25 -5.30 7.73
C HIS A 304 -22.27 -6.81 7.96
N PRO A 305 -23.03 -7.29 8.96
CA PRO A 305 -22.94 -8.71 9.35
C PRO A 305 -23.50 -9.68 8.32
N ASP A 306 -24.30 -9.22 7.35
CA ASP A 306 -24.78 -10.14 6.31
C ASP A 306 -23.68 -10.46 5.33
N VAL A 307 -22.95 -9.44 4.89
CA VAL A 307 -21.74 -9.68 4.13
C VAL A 307 -20.82 -10.64 4.88
N GLN A 308 -20.70 -10.46 6.20
CA GLN A 308 -19.89 -11.35 7.03
C GLN A 308 -20.43 -12.78 7.02
N GLN A 309 -21.75 -12.95 7.23
CA GLN A 309 -22.35 -14.28 7.12
C GLN A 309 -22.16 -14.83 5.71
N LYS A 310 -22.38 -14.00 4.68
CA LYS A 310 -22.35 -14.53 3.32
C LYS A 310 -20.97 -15.12 3.01
N LEU A 311 -19.90 -14.50 3.55
CA LEU A 311 -18.53 -14.96 3.34
C LEU A 311 -18.25 -16.23 4.16
N GLN A 312 -18.73 -16.30 5.40
CA GLN A 312 -18.52 -17.52 6.20
C GLN A 312 -19.18 -18.72 5.53
N GLU A 313 -20.34 -18.52 4.90
CA GLU A 313 -20.96 -19.58 4.12
C GLU A 313 -20.09 -19.98 2.92
N GLU A 314 -19.55 -19.00 2.20
CA GLU A 314 -18.71 -19.31 1.04
C GLU A 314 -17.44 -20.06 1.45
N ILE A 315 -16.83 -19.65 2.57
CA ILE A 315 -15.61 -20.30 3.06
C ILE A 315 -15.89 -21.74 3.52
N ASP A 316 -16.99 -21.94 4.27
CA ASP A 316 -17.36 -23.28 4.72
C ASP A 316 -17.73 -24.20 3.54
N ALA A 317 -18.36 -23.65 2.50
CA ALA A 317 -18.69 -24.39 1.27
C ALA A 317 -17.44 -24.88 0.51
N VAL A 318 -16.39 -24.06 0.38
CA VAL A 318 -15.18 -24.48 -0.35
C VAL A 318 -14.26 -25.29 0.56
N LEU A 319 -14.21 -24.95 1.84
CA LEU A 319 -13.36 -25.62 2.83
C LEU A 319 -14.24 -26.11 3.96
N PRO A 320 -14.92 -27.25 3.78
CA PRO A 320 -15.75 -27.80 4.86
C PRO A 320 -14.92 -28.35 6.00
N ASN A 321 -15.49 -28.27 7.21
CA ASN A 321 -14.86 -28.73 8.45
C ASN A 321 -13.63 -27.90 8.80
N LYS A 322 -13.70 -26.60 8.55
CA LYS A 322 -12.55 -25.70 8.70
C LYS A 322 -11.33 -26.24 7.96
N ALA A 323 -11.55 -26.74 6.75
CA ALA A 323 -10.46 -27.29 5.96
C ALA A 323 -9.41 -26.19 5.69
N PRO A 324 -8.12 -26.52 5.75
CA PRO A 324 -7.09 -25.48 5.60
C PRO A 324 -7.07 -24.95 4.17
N PRO A 325 -6.96 -23.63 4.00
CA PRO A 325 -6.99 -23.06 2.63
C PRO A 325 -5.73 -23.37 1.85
N THR A 326 -5.91 -23.55 0.54
CA THR A 326 -4.79 -23.76 -0.35
C THR A 326 -4.78 -22.66 -1.39
N TYR A 327 -3.63 -22.50 -2.04
CA TYR A 327 -3.51 -21.51 -3.11
C TYR A 327 -4.68 -21.59 -4.08
N ASP A 328 -5.05 -22.80 -4.50
CA ASP A 328 -6.10 -22.97 -5.51
C ASP A 328 -7.49 -22.65 -4.95
N THR A 329 -7.77 -23.12 -3.72
CA THR A 329 -9.08 -22.85 -3.12
C THR A 329 -9.26 -21.36 -2.85
N VAL A 330 -8.18 -20.61 -2.74
CA VAL A 330 -8.31 -19.19 -2.43
C VAL A 330 -8.85 -18.44 -3.62
N LEU A 331 -8.30 -18.70 -4.81
CA LEU A 331 -8.81 -18.15 -6.06
C LEU A 331 -10.20 -18.69 -6.38
N GLN A 332 -10.62 -19.75 -5.70
CA GLN A 332 -11.95 -20.23 -5.95
C GLN A 332 -13.02 -19.35 -5.32
N MET A 333 -12.65 -18.52 -4.33
CA MET A 333 -13.62 -17.79 -3.52
C MET A 333 -13.91 -16.42 -4.12
N GLU A 334 -15.11 -16.26 -4.69
CA GLU A 334 -15.43 -15.06 -5.46
C GLU A 334 -15.91 -13.92 -4.56
N TYR A 335 -16.86 -14.22 -3.66
CA TYR A 335 -17.33 -13.23 -2.70
C TYR A 335 -16.19 -12.67 -1.85
N LEU A 336 -15.26 -13.54 -1.44
CA LEU A 336 -14.05 -13.07 -0.78
C LEU A 336 -13.34 -12.01 -1.62
N ASP A 337 -13.09 -12.33 -2.90
CA ASP A 337 -12.44 -11.36 -3.77
C ASP A 337 -13.26 -10.09 -3.87
N MET A 338 -14.59 -10.24 -3.92
CA MET A 338 -15.45 -9.07 -3.99
C MET A 338 -15.30 -8.20 -2.75
N VAL A 339 -15.27 -8.83 -1.57
CA VAL A 339 -15.11 -8.09 -0.32
C VAL A 339 -13.79 -7.32 -0.32
N VAL A 340 -12.69 -8.03 -0.58
CA VAL A 340 -11.40 -7.38 -0.59
C VAL A 340 -11.41 -6.20 -1.55
N ASN A 341 -11.86 -6.45 -2.78
CA ASN A 341 -11.84 -5.41 -3.82
C ASN A 341 -12.68 -4.20 -3.40
N GLU A 342 -13.83 -4.42 -2.77
CA GLU A 342 -14.65 -3.27 -2.43
C GLU A 342 -14.01 -2.50 -1.28
N THR A 343 -13.39 -3.23 -0.33
CA THR A 343 -12.69 -2.53 0.73
C THR A 343 -11.62 -1.61 0.15
N LEU A 344 -10.79 -2.14 -0.75
CA LEU A 344 -9.78 -1.27 -1.33
C LEU A 344 -10.39 -0.12 -2.11
N ARG A 345 -11.65 -0.22 -2.55
CA ARG A 345 -12.22 0.96 -3.20
C ARG A 345 -12.50 2.08 -2.20
N LEU A 346 -13.00 1.74 -1.01
CA LEU A 346 -13.19 2.78 -0.02
C LEU A 346 -11.88 3.20 0.62
N PHE A 347 -10.88 2.32 0.69
CA PHE A 347 -9.62 2.60 1.36
C PHE A 347 -8.44 2.18 0.50
N PRO A 348 -8.16 2.92 -0.56
CA PRO A 348 -6.95 2.66 -1.34
C PRO A 348 -5.74 3.29 -0.67
N ILE A 349 -4.89 2.49 -0.02
CA ILE A 349 -3.94 3.03 0.95
C ILE A 349 -2.85 3.90 0.32
N ALA A 350 -2.59 3.78 -0.99
CA ALA A 350 -1.73 4.76 -1.66
C ALA A 350 -2.37 6.14 -1.73
N MET A 351 -3.71 6.19 -1.86
CA MET A 351 -4.45 7.44 -1.97
C MET A 351 -4.22 8.08 -3.33
N ARG A 352 -2.96 8.29 -3.70
CA ARG A 352 -2.61 8.88 -4.97
C ARG A 352 -1.53 8.07 -5.67
N LEU A 353 -1.57 8.08 -7.00
CA LEU A 353 -0.45 7.66 -7.83
C LEU A 353 0.24 8.89 -8.46
N GLU A 354 1.51 8.73 -8.82
CA GLU A 354 2.26 9.90 -9.18
C GLU A 354 3.39 9.50 -10.14
N ARG A 355 3.61 10.31 -11.18
CA ARG A 355 4.82 10.15 -12.00
C ARG A 355 5.39 11.52 -12.31
N VAL A 356 6.72 11.61 -12.35
CA VAL A 356 7.37 12.85 -12.76
C VAL A 356 7.47 12.85 -14.27
N CYS A 357 6.95 13.91 -14.88
CA CYS A 357 7.07 14.11 -16.30
C CYS A 357 8.49 14.52 -16.64
N LYS A 358 9.23 13.68 -17.38
CA LYS A 358 10.63 13.97 -17.69
C LYS A 358 10.87 14.71 -19.01
N LYS A 359 9.83 15.02 -19.80
CA LYS A 359 10.01 15.73 -21.07
C LYS A 359 8.78 16.58 -21.36
N ASP A 360 8.95 17.67 -22.11
CA ASP A 360 7.77 18.27 -22.72
C ASP A 360 7.03 17.21 -23.52
N VAL A 361 5.73 17.06 -23.24
CA VAL A 361 4.90 16.03 -23.87
C VAL A 361 3.51 16.59 -24.10
N GLU A 362 2.82 16.03 -25.09
CA GLU A 362 1.40 16.26 -25.28
C GLU A 362 0.70 14.91 -25.29
N ILE A 363 -0.23 14.73 -24.36
CA ILE A 363 -0.99 13.50 -24.19
C ILE A 363 -2.47 13.83 -24.28
N ASN A 364 -3.18 13.15 -25.18
CA ASN A 364 -4.63 13.31 -25.34
C ASN A 364 -5.02 14.78 -25.48
N GLY A 365 -4.21 15.55 -26.22
CA GLY A 365 -4.55 16.91 -26.56
C GLY A 365 -4.15 17.98 -25.58
N MET A 366 -3.27 17.66 -24.61
CA MET A 366 -2.92 18.62 -23.57
C MET A 366 -1.41 18.72 -23.39
N PHE A 367 -0.90 19.95 -23.31
CA PHE A 367 0.53 20.15 -23.19
C PHE A 367 0.98 20.05 -21.74
N ILE A 368 1.95 19.17 -21.50
CA ILE A 368 2.49 18.92 -20.18
C ILE A 368 3.96 19.28 -20.13
N PRO A 369 4.35 20.35 -19.43
CA PRO A 369 5.75 20.79 -19.46
C PRO A 369 6.64 19.94 -18.55
N LYS A 370 7.91 19.87 -18.95
CA LYS A 370 8.88 19.06 -18.24
C LYS A 370 8.97 19.49 -16.78
N GLY A 371 8.99 18.50 -15.89
CA GLY A 371 9.18 18.73 -14.46
C GLY A 371 7.92 18.77 -13.61
N VAL A 372 6.74 18.90 -14.24
CA VAL A 372 5.47 18.74 -13.55
C VAL A 372 5.41 17.33 -12.94
N VAL A 373 4.93 17.24 -11.71
CA VAL A 373 4.46 15.97 -11.16
C VAL A 373 3.03 15.77 -11.67
N VAL A 374 2.76 14.60 -12.30
CA VAL A 374 1.40 14.21 -12.72
C VAL A 374 0.82 13.27 -11.68
N MET A 375 -0.47 13.41 -11.37
CA MET A 375 -1.05 12.80 -10.18
CA MET A 375 -1.04 12.77 -10.20
C MET A 375 -2.44 12.25 -10.48
N ILE A 376 -2.68 11.01 -10.07
CA ILE A 376 -3.99 10.38 -10.22
C ILE A 376 -4.61 10.31 -8.84
N PRO A 377 -5.72 10.96 -8.62
CA PRO A 377 -6.28 11.01 -7.25
C PRO A 377 -7.22 9.84 -6.96
N SER A 378 -6.59 8.69 -6.78
CA SER A 378 -7.25 7.43 -6.50
C SER A 378 -8.38 7.54 -5.48
N TYR A 379 -8.09 7.96 -4.24
CA TYR A 379 -9.15 8.04 -3.23
C TYR A 379 -10.36 8.77 -3.80
N ALA A 380 -10.11 9.87 -4.51
CA ALA A 380 -11.21 10.71 -4.97
C ALA A 380 -11.98 10.04 -6.09
N LEU A 381 -11.30 9.24 -6.91
CA LEU A 381 -11.94 8.57 -8.04
C LEU A 381 -12.63 7.29 -7.59
N HIS A 382 -12.10 6.64 -6.58
CA HIS A 382 -12.83 5.54 -5.93
C HIS A 382 -14.17 6.00 -5.33
N ARG A 383 -14.31 7.28 -4.96
CA ARG A 383 -15.51 7.78 -4.30
C ARG A 383 -16.29 8.76 -5.18
N ASP A 384 -15.96 8.81 -6.46
CA ASP A 384 -16.63 9.67 -7.45
C ASP A 384 -18.04 9.18 -7.76
N PRO A 385 -19.10 9.96 -7.48
CA PRO A 385 -20.46 9.54 -7.87
C PRO A 385 -20.67 9.36 -9.38
N LYS A 386 -19.80 9.93 -10.23
CA LYS A 386 -19.97 9.80 -11.68
C LYS A 386 -19.61 8.42 -12.21
N TYR A 387 -18.83 7.63 -11.47
CA TYR A 387 -18.59 6.23 -11.84
C TYR A 387 -19.21 5.25 -10.87
N TRP A 388 -19.57 5.70 -9.67
CA TRP A 388 -19.97 4.82 -8.58
C TRP A 388 -21.28 5.29 -8.00
N THR A 389 -22.28 4.41 -8.05
CA THR A 389 -23.51 4.60 -7.31
C THR A 389 -23.24 4.48 -5.82
N GLU A 390 -23.90 5.34 -5.03
CA GLU A 390 -23.81 5.35 -3.57
C GLU A 390 -22.37 5.11 -3.10
N PRO A 391 -21.41 5.94 -3.53
CA PRO A 391 -20.01 5.56 -3.38
C PRO A 391 -19.58 5.43 -1.93
N GLU A 392 -20.20 6.17 -1.01
CA GLU A 392 -19.81 6.07 0.40
C GLU A 392 -20.28 4.79 1.06
N LYS A 393 -21.16 4.02 0.40
CA LYS A 393 -21.69 2.79 0.95
C LYS A 393 -20.79 1.61 0.61
N PHE A 394 -20.62 0.73 1.57
CA PHE A 394 -19.92 -0.53 1.36
C PHE A 394 -20.87 -1.53 0.70
N LEU A 395 -20.68 -1.77 -0.60
CA LEU A 395 -21.56 -2.64 -1.40
C LEU A 395 -20.70 -3.55 -2.26
N PRO A 396 -20.34 -4.74 -1.74
CA PRO A 396 -19.45 -5.64 -2.50
C PRO A 396 -19.96 -6.03 -3.86
N GLU A 397 -21.28 -6.05 -4.03
CA GLU A 397 -21.84 -6.53 -5.29
C GLU A 397 -21.32 -5.77 -6.51
N ARG A 398 -20.82 -4.53 -6.34
CA ARG A 398 -20.23 -3.86 -7.50
C ARG A 398 -19.11 -4.67 -8.13
N PHE A 399 -18.52 -5.66 -7.42
CA PHE A 399 -17.47 -6.50 -7.98
C PHE A 399 -17.94 -7.92 -8.27
N SER A 400 -19.26 -8.12 -8.34
CA SER A 400 -19.80 -9.39 -8.84
C SER A 400 -19.40 -9.59 -10.29
N LYS A 401 -19.18 -10.85 -10.66
CA LYS A 401 -18.80 -11.18 -12.03
C LYS A 401 -19.76 -10.59 -13.05
N LYS A 402 -20.98 -10.25 -12.62
CA LYS A 402 -21.93 -9.53 -13.47
C LYS A 402 -21.51 -8.08 -13.70
N ASN A 403 -21.23 -7.35 -12.61
CA ASN A 403 -20.94 -5.92 -12.71
C ASN A 403 -19.46 -5.60 -12.78
N LYS A 404 -18.59 -6.55 -12.40
CA LYS A 404 -17.14 -6.34 -12.49
C LYS A 404 -16.69 -5.90 -13.87
N ASP A 405 -17.51 -6.14 -14.90
CA ASP A 405 -17.14 -5.78 -16.27
C ASP A 405 -17.34 -4.29 -16.55
N ASN A 406 -18.24 -3.65 -15.80
CA ASN A 406 -18.59 -2.25 -16.03
C ASN A 406 -17.74 -1.30 -15.20
N ILE A 407 -16.55 -1.73 -14.80
CA ILE A 407 -15.67 -1.00 -13.90
C ILE A 407 -14.41 -0.64 -14.67
N ASP A 408 -14.11 0.67 -14.75
CA ASP A 408 -12.97 1.12 -15.55
C ASP A 408 -11.67 0.84 -14.78
N PRO A 409 -10.74 0.07 -15.34
CA PRO A 409 -9.52 -0.26 -14.59
C PRO A 409 -8.59 0.92 -14.41
N TYR A 410 -8.90 2.07 -15.01
CA TYR A 410 -8.14 3.29 -14.78
C TYR A 410 -8.87 4.27 -13.88
N ILE A 411 -10.05 3.88 -13.40
CA ILE A 411 -10.71 4.53 -12.28
C ILE A 411 -10.49 3.77 -10.98
N TYR A 412 -10.60 2.44 -11.01
CA TYR A 412 -10.26 1.58 -9.87
C TYR A 412 -8.81 1.11 -10.01
N THR A 413 -7.92 1.62 -9.15
CA THR A 413 -6.48 1.35 -9.23
C THR A 413 -5.82 1.20 -7.85
N PRO A 414 -6.27 0.25 -7.02
CA PRO A 414 -5.63 0.12 -5.70
C PRO A 414 -4.16 -0.33 -5.76
N PHE A 415 -3.70 -0.88 -6.87
CA PHE A 415 -2.30 -1.28 -7.00
C PHE A 415 -1.60 -0.53 -8.15
N GLY A 416 -2.07 0.67 -8.47
CA GLY A 416 -1.50 1.36 -9.59
C GLY A 416 -1.86 0.65 -10.89
N SER A 417 -1.02 0.89 -11.90
CA SER A 417 -1.19 0.28 -13.22
C SER A 417 0.06 0.52 -14.06
N GLY A 418 0.25 -0.34 -15.07
CA GLY A 418 1.36 -0.23 -15.98
C GLY A 418 2.65 -0.77 -15.38
N PRO A 419 3.77 -0.63 -16.11
CA PRO A 419 5.05 -1.20 -15.64
C PRO A 419 5.43 -0.87 -14.20
N ARG A 420 4.89 0.21 -13.63
CA ARG A 420 5.25 0.56 -12.27
C ARG A 420 4.11 0.32 -11.29
N ASN A 421 3.21 -0.62 -11.61
CA ASN A 421 2.18 -0.96 -10.66
C ASN A 421 2.82 -1.70 -9.46
N CYS A 422 1.98 -2.04 -8.49
CA CYS A 422 2.50 -2.68 -7.30
C CYS A 422 2.99 -4.06 -7.68
N ILE A 423 4.30 -4.26 -7.52
CA ILE A 423 4.94 -5.53 -7.81
C ILE A 423 4.52 -6.62 -6.84
N GLY A 424 3.98 -6.24 -5.69
CA GLY A 424 3.70 -7.24 -4.69
C GLY A 424 2.21 -7.47 -4.61
N MET A 425 1.47 -7.12 -5.66
CA MET A 425 0.01 -7.19 -5.62
C MET A 425 -0.48 -8.62 -5.39
N ARG A 426 -0.08 -9.59 -6.24
CA ARG A 426 -0.59 -10.96 -6.08
C ARG A 426 -0.22 -11.52 -4.71
N PHE A 427 0.96 -11.18 -4.21
CA PHE A 427 1.34 -11.59 -2.87
C PHE A 427 0.43 -10.94 -1.82
N ALA A 428 0.17 -9.64 -1.92
CA ALA A 428 -0.63 -8.96 -0.90
C ALA A 428 -2.04 -9.51 -0.85
N LEU A 429 -2.69 -9.67 -2.00
CA LEU A 429 -4.05 -10.21 -2.00
C LEU A 429 -4.09 -11.59 -1.35
N MET A 430 -3.21 -12.49 -1.81
CA MET A 430 -3.14 -13.84 -1.26
C MET A 430 -2.93 -13.80 0.25
N ASN A 431 -1.95 -13.01 0.70
CA ASN A 431 -1.62 -12.93 2.13
C ASN A 431 -2.85 -12.54 2.95
N MET A 432 -3.53 -11.45 2.55
CA MET A 432 -4.73 -11.03 3.26
C MET A 432 -5.83 -12.09 3.20
N LYS A 433 -6.04 -12.72 2.05
CA LYS A 433 -7.12 -13.69 1.91
C LYS A 433 -6.89 -14.91 2.78
N LEU A 434 -5.63 -15.32 2.94
CA LEU A 434 -5.34 -16.41 3.87
C LEU A 434 -5.61 -16.01 5.30
N ALA A 435 -5.23 -14.79 5.68
CA ALA A 435 -5.57 -14.34 7.02
C ALA A 435 -7.09 -14.32 7.21
N LEU A 436 -7.85 -13.90 6.21
CA LEU A 436 -9.29 -13.82 6.41
C LEU A 436 -9.91 -15.21 6.51
N ILE A 437 -9.58 -16.10 5.57
CA ILE A 437 -10.23 -17.42 5.54
C ILE A 437 -10.11 -18.10 6.90
N ARG A 438 -8.88 -18.27 7.40
CA ARG A 438 -8.67 -18.87 8.72
C ARG A 438 -9.46 -18.13 9.81
N VAL A 439 -9.40 -16.80 9.81
CA VAL A 439 -10.03 -16.04 10.91
C VAL A 439 -11.57 -16.10 10.87
N LEU A 440 -12.18 -16.21 9.68
CA LEU A 440 -13.63 -16.34 9.59
C LEU A 440 -14.09 -17.78 9.70
N GLN A 441 -13.19 -18.74 9.47
CA GLN A 441 -13.47 -20.14 9.79
C GLN A 441 -13.71 -20.35 11.27
N ASN A 442 -13.24 -19.44 12.12
CA ASN A 442 -13.18 -19.67 13.55
C ASN A 442 -13.86 -18.60 14.39
N PHE A 443 -14.16 -17.43 13.85
CA PHE A 443 -14.63 -16.34 14.70
C PHE A 443 -15.65 -15.48 13.98
N SER A 444 -16.50 -14.82 14.77
CA SER A 444 -17.35 -13.77 14.27
C SER A 444 -16.99 -12.48 14.97
N PHE A 445 -17.34 -11.36 14.35
CA PHE A 445 -16.79 -10.06 14.71
C PHE A 445 -17.94 -9.08 14.82
N LYS A 446 -18.11 -8.52 16.01
CA LYS A 446 -19.28 -7.73 16.32
C LYS A 446 -18.83 -6.39 16.86
N PRO A 447 -19.54 -5.32 16.51
CA PRO A 447 -19.18 -4.01 17.05
C PRO A 447 -19.27 -4.03 18.56
N CYS A 448 -18.41 -3.24 19.18
CA CYS A 448 -18.49 -2.93 20.59
C CYS A 448 -19.12 -1.56 20.75
N LYS A 449 -19.45 -1.24 22.00
CA LYS A 449 -19.87 0.12 22.32
C LYS A 449 -18.77 1.13 21.96
N GLU A 450 -17.49 0.73 22.08
CA GLU A 450 -16.35 1.60 21.82
C GLU A 450 -15.95 1.69 20.35
N THR A 451 -16.55 0.85 19.50
CA THR A 451 -16.27 0.91 18.07
C THR A 451 -16.70 2.26 17.51
N GLN A 452 -15.83 2.85 16.70
CA GLN A 452 -16.14 4.11 16.03
C GLN A 452 -17.01 3.81 14.81
N ILE A 453 -18.29 4.12 14.90
CA ILE A 453 -19.22 3.99 13.77
C ILE A 453 -19.92 5.33 13.58
N PRO A 454 -19.78 6.01 12.41
CA PRO A 454 -19.01 5.56 11.26
C PRO A 454 -17.52 5.83 11.41
N LEU A 455 -16.70 4.99 10.80
CA LEU A 455 -15.27 5.17 10.89
C LEU A 455 -14.86 6.48 10.24
N LYS A 456 -14.08 7.27 10.96
CA LYS A 456 -13.58 8.51 10.42
C LYS A 456 -12.15 8.32 9.98
N LEU A 457 -11.82 8.85 8.82
CA LEU A 457 -10.47 8.72 8.34
C LEU A 457 -9.57 9.73 9.01
N SER A 458 -8.33 9.30 9.23
CA SER A 458 -7.31 10.17 9.76
C SER A 458 -7.16 11.38 8.84
N LEU A 459 -7.29 12.57 9.44
CA LEU A 459 -6.98 13.83 8.78
C LEU A 459 -5.48 14.01 8.52
N GLY A 460 -4.64 13.03 8.92
CA GLY A 460 -3.20 13.08 8.73
C GLY A 460 -2.77 12.71 7.33
N GLY A 461 -1.60 12.08 7.23
CA GLY A 461 -0.95 11.81 5.96
C GLY A 461 -0.94 10.36 5.52
N LEU A 462 -1.64 9.49 6.22
CA LEU A 462 -1.72 8.09 5.83
C LEU A 462 -3.18 7.72 5.76
N LEU A 463 -3.49 6.70 4.96
CA LEU A 463 -4.85 6.20 4.96
C LEU A 463 -4.97 5.26 6.13
N GLN A 464 -5.57 5.76 7.19
CA GLN A 464 -5.74 5.01 8.43
C GLN A 464 -6.91 5.62 9.17
N PRO A 465 -7.45 4.92 10.15
CA PRO A 465 -8.60 5.44 10.89
C PRO A 465 -8.18 6.40 11.99
N GLU A 466 -9.02 7.42 12.21
CA GLU A 466 -8.81 8.40 13.27
C GLU A 466 -8.41 7.71 14.56
N LYS A 467 -9.31 6.91 15.11
CA LYS A 467 -9.28 5.97 16.22
C LYS A 467 -9.04 4.55 15.71
N PRO A 468 -8.18 3.78 16.39
CA PRO A 468 -7.95 2.38 15.99
C PRO A 468 -9.22 1.56 16.13
N VAL A 469 -9.38 0.58 15.25
CA VAL A 469 -10.61 -0.19 15.19
C VAL A 469 -10.62 -1.22 16.31
N VAL A 470 -11.62 -1.14 17.19
CA VAL A 470 -11.81 -2.09 18.28
C VAL A 470 -13.14 -2.83 18.07
N LEU A 471 -13.11 -4.16 18.11
CA LEU A 471 -14.30 -5.00 17.91
C LEU A 471 -14.33 -6.18 18.88
N LYS A 472 -15.52 -6.80 19.00
CA LYS A 472 -15.71 -7.98 19.84
C LYS A 472 -15.54 -9.24 18.99
N VAL A 473 -14.91 -10.26 19.58
CA VAL A 473 -14.57 -11.51 18.88
C VAL A 473 -15.18 -12.67 19.64
N GLU A 474 -15.91 -13.53 18.91
CA GLU A 474 -16.62 -14.66 19.50
C GLU A 474 -16.22 -15.95 18.76
N SER A 475 -16.17 -17.06 19.50
CA SER A 475 -15.70 -18.33 18.95
CA SER A 475 -15.70 -18.33 18.95
C SER A 475 -16.86 -19.09 18.33
N ARG A 476 -16.73 -19.43 17.05
CA ARG A 476 -17.72 -20.25 16.36
C ARG A 476 -17.63 -21.68 16.87
CHA HEM B . 3.90 -0.01 -5.32
CHB HEM B . -0.53 -0.62 -3.49
CHC HEM B . 1.34 -4.17 -0.87
CHD HEM B . 5.64 -3.89 -3.01
C1A HEM B . 2.57 0.13 -5.02
C2A HEM B . 1.68 1.11 -5.58
C3A HEM B . 0.47 0.93 -5.09
C4A HEM B . 0.54 -0.17 -4.17
CMA HEM B . -0.83 1.68 -5.34
CAA HEM B . 2.07 2.17 -6.61
CBA HEM B . 1.52 1.63 -7.93
CGA HEM B . 1.81 2.67 -9.00
O1A HEM B . 1.19 2.55 -10.10
O2A HEM B . 2.62 3.63 -8.78
C1B HEM B . -0.43 -1.65 -2.62
C2B HEM B . -1.49 -2.18 -1.79
C3B HEM B . -0.96 -3.16 -1.04
C4B HEM B . 0.45 -3.26 -1.41
CMB HEM B . -2.94 -1.63 -1.83
CAB HEM B . -1.61 -4.10 0.00
CBB HEM B . -2.91 -4.40 -0.01
C1C HEM B . 2.62 -4.45 -1.27
C2C HEM B . 3.40 -5.59 -0.83
C3C HEM B . 4.60 -5.55 -1.40
C4C HEM B . 4.64 -4.36 -2.23
CMC HEM B . 2.90 -6.68 0.12
CAC HEM B . 5.66 -6.64 -1.14
CBC HEM B . 6.79 -6.72 -1.84
C1D HEM B . 5.54 -2.77 -3.80
C2D HEM B . 6.62 -2.20 -4.57
C3D HEM B . 6.15 -1.12 -5.22
C4D HEM B . 4.74 -0.97 -4.87
CMD HEM B . 8.05 -2.75 -4.60
CAD HEM B . 6.97 -0.20 -6.17
CBD HEM B . 6.91 -0.69 -7.61
CGD HEM B . 7.92 -0.02 -8.55
O1D HEM B . 8.54 -0.73 -9.41
O2D HEM B . 8.14 1.22 -8.48
NA HEM B . 1.81 -0.63 -4.13
NB HEM B . 0.73 -2.32 -2.37
NC HEM B . 3.45 -3.70 -2.11
ND HEM B . 4.40 -2.00 -4.01
FE HEM B . 2.55 -2.33 -3.27
C1 GOL C . -5.70 12.10 4.03
O1 GOL C . -4.96 11.62 5.13
C2 GOL C . -7.14 12.36 4.42
O2 GOL C . -7.88 11.16 4.51
C3 GOL C . -7.80 13.39 3.50
O3 GOL C . -7.29 13.44 2.15
C20 G1D D . 7.75 3.08 -0.45
C25 G1D D . 4.88 0.03 -0.36
C26 G1D D . 3.96 0.71 0.38
C35 G1D D . 2.62 3.82 -2.33
C36 G1D D . 3.31 2.70 -2.85
C24 G1D D . 6.26 0.07 -0.16
C16 G1D D . 9.60 4.11 4.68
C17 G1D D . 10.83 3.84 4.06
C19 G1D D . 9.76 4.02 1.91
C18 G1D D . 10.88 3.79 2.67
C28 G1D D . 2.22 -0.08 -1.02
C34 G1D D . 3.32 5.02 -2.15
C33 G1D D . 4.68 5.09 -2.49
C32 G1D D . 5.39 3.99 -3.02
C31 G1D D . 6.81 4.12 -3.33
C30 G1D D . 4.40 -0.67 -1.49
C01 G1D D . 6.99 10.76 -2.83
C02 G1D D . 6.57 9.28 -3.04
C03 G1D D . 5.92 9.19 -4.44
C04 G1D D . 5.53 8.95 -1.92
C06 G1D D . 8.29 7.58 -3.92
C09 G1D D . 7.45 5.51 -2.91
C10 G1D D . 8.73 5.37 -1.98
C12 G1D D . 7.45 4.49 0.04
C13 G1D D . 7.27 4.54 1.66
C14 G1D D . 8.52 4.28 2.50
C15 G1D D . 8.45 4.33 3.90
C23 G1D D . 6.76 0.98 -1.22
C27 G1D D . 2.60 0.68 0.09
C37 G1D D . 4.68 2.80 -3.19
N08 G1D D . 7.77 6.26 -4.11
N11 G1D D . 8.46 5.47 -0.46
N22 G1D D . 6.62 2.28 -0.80
N29 G1D D . 3.12 -0.75 -1.80
O05 G1D D . 7.77 8.34 -2.85
O07 G1D D . 9.21 8.02 -4.62
O21 G1D D . 8.96 2.73 -0.52
#